data_8X3H
#
_entry.id   8X3H
#
_cell.length_a   46.346
_cell.length_b   75.518
_cell.length_c   84.647
_cell.angle_alpha   90.00
_cell.angle_beta   90.00
_cell.angle_gamma   90.00
#
_symmetry.space_group_name_H-M   'P 21 21 21'
#
loop_
_entity.id
_entity.type
_entity.pdbx_description
1 polymer Ovotransferrin
2 non-polymer 'FE (III) ION'
3 non-polymer 'CARBONATE ION'
4 non-polymer GLYCEROL
5 water water
#
_entity_poly.entity_id   1
_entity_poly.type   'polypeptide(L)'
_entity_poly.pdbx_seq_one_letter_code
;APPKSVIRWCTISSPEEKKCNNLRDLTQQERISLTCVQKATYLDCIKAIANNEADAISLDGGQVFEAGLAPYKLKPIAAE
VYEHTEGSTTSYYAVAVVKKGTEFTVNDLQGKTSCHTGLGRSAGWNIPIGTLIHRGAIEWEGIESGSVEQAVAKFFSASC
VPGATIEQKLCRQCKGDPKTKCARNAPYSGYSGAFHCLKDGKGDVAFVKHTTVNENAPDQKDEYELLCLDGSRQPVDNYK
TCNWARVAAHAVVARDDNKVEDIWSFLSKAQSDFGVDTKSDFHLFGPPGKKDPVLKDLLFKDSAIMLKRVPSLMDSQLYL
GFEYYSAIQSMR
;
_entity_poly.pdbx_strand_id   A
#
loop_
_chem_comp.id
_chem_comp.type
_chem_comp.name
_chem_comp.formula
CO3 non-polymer 'CARBONATE ION' 'C O3 -2'
FE non-polymer 'FE (III) ION' 'Fe 3'
GOL non-polymer GLYCEROL 'C3 H8 O3'
#
# COMPACT_ATOMS: atom_id res chain seq x y z
N ALA A 1 21.27 -24.33 18.01
CA ALA A 1 21.00 -23.06 17.34
C ALA A 1 21.53 -21.88 18.16
N PRO A 2 21.56 -20.71 17.13
CA PRO A 2 22.23 -19.58 17.84
C PRO A 2 21.39 -19.12 19.03
N PRO A 3 21.92 -18.19 19.89
CA PRO A 3 21.15 -17.77 21.03
C PRO A 3 19.83 -17.04 20.67
N LYS A 4 18.95 -17.01 21.69
CA LYS A 4 17.76 -16.17 21.53
CA LYS A 4 17.76 -16.17 21.62
C LYS A 4 18.05 -14.68 21.37
N SER A 5 17.11 -14.04 20.64
CA SER A 5 17.20 -12.57 20.48
C SER A 5 15.76 -12.07 20.18
N VAL A 6 15.64 -10.78 19.94
CA VAL A 6 14.38 -10.10 19.75
C VAL A 6 14.45 -9.25 18.50
N ILE A 7 13.35 -9.12 17.77
CA ILE A 7 13.23 -8.13 16.73
C ILE A 7 12.14 -7.13 17.13
N ARG A 8 12.32 -5.89 16.68
CA ARG A 8 11.43 -4.78 16.97
C ARG A 8 10.74 -4.36 15.69
N TRP A 9 9.42 -4.61 15.63
CA TRP A 9 8.62 -4.23 14.45
C TRP A 9 8.08 -2.85 14.64
N CYS A 10 8.05 -2.05 13.56
CA CYS A 10 7.54 -0.68 13.64
C CYS A 10 6.17 -0.60 12.96
N THR A 11 5.20 -0.16 13.75
CA THR A 11 3.83 -0.10 13.33
C THR A 11 3.40 1.36 13.12
N ILE A 12 2.32 1.54 12.35
CA ILE A 12 1.91 2.88 11.88
C ILE A 12 0.50 3.23 12.28
N SER A 13 -0.10 2.44 13.19
CA SER A 13 -1.45 2.71 13.66
C SER A 13 -1.68 1.88 14.90
N SER A 14 -2.70 2.28 15.65
CA SER A 14 -3.04 1.49 16.83
C SER A 14 -3.55 0.09 16.50
N PRO A 15 -4.38 -0.10 15.47
CA PRO A 15 -4.77 -1.47 15.10
C PRO A 15 -3.54 -2.30 14.72
N GLU A 16 -2.58 -1.70 14.02
CA GLU A 16 -1.38 -2.46 13.73
C GLU A 16 -0.62 -2.84 15.00
N GLU A 17 -0.46 -1.87 15.92
CA GLU A 17 0.24 -2.17 17.16
C GLU A 17 -0.42 -3.31 17.91
N LYS A 18 -1.75 -3.31 17.94
CA LYS A 18 -2.53 -4.34 18.62
C LYS A 18 -2.27 -5.70 17.96
N LYS A 19 -2.32 -5.77 16.65
CA LYS A 19 -2.03 -7.02 15.94
C LYS A 19 -0.61 -7.49 16.23
N CYS A 20 0.35 -6.55 16.18
CA CYS A 20 1.73 -6.87 16.46
C CYS A 20 1.89 -7.45 17.85
N ASN A 21 1.23 -6.82 18.85
CA ASN A 21 1.38 -7.30 20.21
C ASN A 21 0.64 -8.63 20.43
N ASN A 22 -0.40 -8.91 19.67
CA ASN A 22 -1.00 -10.25 19.69
C ASN A 22 0.03 -11.27 19.18
N LEU A 23 0.72 -10.95 18.09
CA LEU A 23 1.76 -11.83 17.57
C LEU A 23 2.88 -11.98 18.57
N ARG A 24 3.28 -10.90 19.24
CA ARG A 24 4.26 -10.97 20.33
C ARG A 24 3.86 -12.03 21.33
N ASP A 25 2.61 -11.95 21.78
CA ASP A 25 2.17 -12.89 22.83
C ASP A 25 2.26 -14.33 22.33
N LEU A 26 1.97 -14.55 21.06
CA LEU A 26 1.94 -15.89 20.47
C LEU A 26 3.33 -16.42 20.10
N THR A 27 4.38 -15.60 20.19
CA THR A 27 5.72 -15.96 19.80
C THR A 27 6.73 -15.76 20.92
N GLN A 28 6.23 -15.53 22.14
CA GLN A 28 7.07 -15.26 23.29
CA GLN A 28 7.18 -15.14 23.20
C GLN A 28 8.15 -16.29 23.57
N GLN A 29 7.81 -17.54 23.28
CA GLN A 29 8.74 -18.59 23.67
C GLN A 29 9.60 -19.01 22.47
N GLU A 30 9.49 -18.36 21.31
CA GLU A 30 10.31 -18.70 20.17
C GLU A 30 11.74 -18.23 20.37
N ARG A 31 12.66 -18.81 19.60
CA ARG A 31 14.04 -18.37 19.73
C ARG A 31 14.21 -16.88 19.47
N ILE A 32 13.61 -16.44 18.36
CA ILE A 32 13.48 -15.01 18.08
C ILE A 32 12.10 -14.55 18.46
N SER A 33 12.02 -13.63 19.43
CA SER A 33 10.79 -13.06 19.89
C SER A 33 10.62 -11.61 19.34
N LEU A 34 9.54 -10.97 19.70
CA LEU A 34 9.07 -9.78 19.03
C LEU A 34 8.68 -8.72 20.05
N THR A 35 9.03 -7.45 19.77
CA THR A 35 8.39 -6.32 20.39
C THR A 35 7.94 -5.37 19.27
N CYS A 36 7.05 -4.44 19.68
CA CYS A 36 6.32 -3.62 18.73
C CYS A 36 6.40 -2.18 19.16
N VAL A 37 6.75 -1.30 18.22
N VAL A 37 6.88 -1.27 18.30
CA VAL A 37 6.81 0.13 18.51
CA VAL A 37 6.72 0.15 18.57
C VAL A 37 6.01 0.87 17.43
C VAL A 37 5.68 0.62 17.57
N GLN A 38 5.07 1.72 17.93
CA GLN A 38 4.18 2.46 17.06
C GLN A 38 4.74 3.86 16.84
N LYS A 39 4.69 4.31 15.61
CA LYS A 39 5.03 5.67 15.27
C LYS A 39 3.87 6.32 14.50
N ALA A 40 3.98 7.65 14.39
CA ALA A 40 2.91 8.40 13.75
C ALA A 40 2.79 8.07 12.27
N THR A 41 3.90 7.89 11.58
CA THR A 41 3.93 7.59 10.17
C THR A 41 5.07 6.62 9.83
N TYR A 42 4.95 6.04 8.65
CA TYR A 42 5.98 5.13 8.15
C TYR A 42 7.35 5.83 8.13
N LEU A 43 7.36 7.17 7.87
CA LEU A 43 8.67 7.84 7.79
C LEU A 43 9.35 7.86 9.14
N ASP A 44 8.55 8.04 10.22
CA ASP A 44 9.12 7.91 11.55
C ASP A 44 9.67 6.53 11.78
N CYS A 45 8.99 5.51 11.21
CA CYS A 45 9.54 4.16 11.30
C CYS A 45 10.84 3.99 10.52
N ILE A 46 10.92 4.53 9.30
CA ILE A 46 12.16 4.48 8.56
C ILE A 46 13.28 5.08 9.38
N LYS A 47 13.02 6.27 9.93
CA LYS A 47 14.03 6.95 10.76
C LYS A 47 14.46 6.11 11.95
N ALA A 48 13.44 5.51 12.64
CA ALA A 48 13.71 4.68 13.79
C ALA A 48 14.59 3.46 13.42
N ILE A 49 14.26 2.83 12.31
CA ILE A 49 15.04 1.65 11.89
C ILE A 49 16.46 2.06 11.54
N ALA A 50 16.62 3.14 10.80
CA ALA A 50 17.98 3.61 10.48
C ALA A 50 18.74 4.00 11.72
N ASN A 51 18.05 4.47 12.75
CA ASN A 51 18.68 4.84 14.03
C ASN A 51 18.78 3.68 15.01
N ASN A 52 18.48 2.46 14.59
CA ASN A 52 18.63 1.28 15.45
CA ASN A 52 18.67 1.33 15.49
C ASN A 52 17.76 1.38 16.68
N GLU A 53 16.57 1.92 16.50
CA GLU A 53 15.49 1.96 17.50
CA GLU A 53 15.49 1.98 17.48
C GLU A 53 14.38 0.96 17.16
N ALA A 54 14.38 0.42 15.98
CA ALA A 54 13.46 -0.59 15.53
C ALA A 54 14.19 -1.35 14.42
N ASP A 55 13.59 -2.48 13.99
CA ASP A 55 14.31 -3.35 13.02
C ASP A 55 13.61 -3.53 11.70
N ALA A 56 12.28 -3.45 11.60
CA ALA A 56 11.64 -3.84 10.33
C ALA A 56 10.26 -3.20 10.23
N ILE A 57 9.84 -3.04 8.96
CA ILE A 57 8.50 -2.55 8.62
C ILE A 57 8.22 -3.02 7.20
N SER A 58 6.96 -3.34 6.88
CA SER A 58 6.57 -3.61 5.49
CA SER A 58 6.53 -3.59 5.51
C SER A 58 6.07 -2.31 4.84
N LEU A 59 6.54 -2.08 3.64
CA LEU A 59 6.22 -0.85 2.92
C LEU A 59 5.74 -1.11 1.50
N ASP A 60 4.83 -0.28 1.06
CA ASP A 60 4.52 -0.18 -0.36
C ASP A 60 5.78 0.20 -1.12
N GLY A 61 5.85 -0.18 -2.40
CA GLY A 61 7.04 0.14 -3.17
C GLY A 61 7.41 1.60 -3.22
N GLY A 62 6.42 2.50 -3.21
CA GLY A 62 6.78 3.91 -3.18
C GLY A 62 7.53 4.31 -1.94
N GLN A 63 7.22 3.67 -0.82
CA GLN A 63 7.95 3.92 0.42
C GLN A 63 9.19 3.07 0.55
N VAL A 64 9.28 1.91 -0.11
CA VAL A 64 10.55 1.22 -0.25
C VAL A 64 11.59 2.14 -0.91
N PHE A 65 11.14 2.86 -1.93
CA PHE A 65 12.00 3.85 -2.59
C PHE A 65 12.52 4.84 -1.56
N GLU A 66 11.59 5.45 -0.77
CA GLU A 66 12.01 6.48 0.17
C GLU A 66 12.96 5.92 1.22
N ALA A 67 12.67 4.70 1.69
CA ALA A 67 13.45 4.07 2.73
C ALA A 67 14.90 3.78 2.30
N GLY A 68 15.11 3.60 1.01
CA GLY A 68 16.42 3.33 0.50
C GLY A 68 17.29 4.53 0.28
N LEU A 69 16.77 5.71 0.29
CA LEU A 69 17.55 6.92 0.08
C LEU A 69 18.46 7.20 1.26
N ALA A 70 19.55 7.91 0.99
CA ALA A 70 20.33 8.46 2.09
C ALA A 70 19.44 9.42 2.86
N PRO A 71 19.56 9.53 4.17
CA PRO A 71 20.56 8.88 5.01
C PRO A 71 20.07 7.56 5.65
N TYR A 72 19.03 6.97 5.10
CA TYR A 72 18.41 5.79 5.69
C TYR A 72 18.97 4.50 5.12
N LYS A 73 19.02 4.37 3.80
CA LYS A 73 19.71 3.28 3.15
C LYS A 73 19.18 1.93 3.56
N LEU A 74 17.88 1.84 3.81
CA LEU A 74 17.27 0.55 4.12
C LEU A 74 17.13 -0.25 2.84
N LYS A 75 17.07 -1.58 2.95
CA LYS A 75 16.93 -2.44 1.80
C LYS A 75 15.77 -3.42 2.05
N PRO A 76 15.08 -3.82 0.98
CA PRO A 76 14.02 -4.83 1.11
C PRO A 76 14.63 -6.21 1.32
N ILE A 77 14.11 -6.94 2.30
CA ILE A 77 14.61 -8.26 2.67
C ILE A 77 13.59 -9.35 2.47
N ALA A 78 12.32 -9.03 2.31
CA ALA A 78 11.28 -10.02 2.09
C ALA A 78 10.18 -9.38 1.28
N ALA A 79 9.64 -10.09 0.31
CA ALA A 79 8.58 -9.61 -0.54
C ALA A 79 7.29 -10.33 -0.19
N GLU A 80 6.17 -9.59 -0.15
CA GLU A 80 4.88 -10.24 -0.11
C GLU A 80 4.67 -11.04 -1.40
N VAL A 81 3.93 -12.12 -1.23
CA VAL A 81 3.51 -13.02 -2.27
C VAL A 81 1.99 -12.97 -2.35
N TYR A 82 1.45 -12.87 -3.55
CA TYR A 82 0.00 -12.82 -3.78
C TYR A 82 -0.42 -14.02 -4.56
N GLU A 83 -1.72 -14.31 -4.55
CA GLU A 83 -2.29 -15.35 -5.37
C GLU A 83 -2.10 -15.00 -6.82
N HIS A 84 -1.93 -16.00 -7.66
CA HIS A 84 -1.90 -15.85 -9.10
C HIS A 84 -2.53 -17.08 -9.72
N THR A 85 -3.08 -16.95 -10.93
CA THR A 85 -3.63 -18.11 -11.59
C THR A 85 -2.62 -19.22 -11.80
N GLU A 86 -1.34 -18.93 -11.90
CA GLU A 86 -0.34 -19.93 -12.02
CA GLU A 86 -0.38 -20.00 -12.05
C GLU A 86 0.13 -20.48 -10.69
N GLY A 87 -0.27 -19.88 -9.60
CA GLY A 87 0.10 -20.26 -8.25
C GLY A 87 0.30 -19.05 -7.40
N SER A 88 1.42 -18.36 -7.63
CA SER A 88 1.79 -17.23 -6.79
C SER A 88 2.61 -16.22 -7.61
N THR A 89 2.70 -14.99 -7.05
CA THR A 89 3.46 -13.92 -7.69
C THR A 89 3.93 -12.94 -6.65
N THR A 90 5.01 -12.23 -6.94
CA THR A 90 5.53 -11.16 -6.12
C THR A 90 5.32 -9.78 -6.77
N SER A 91 4.27 -9.64 -7.55
CA SER A 91 3.84 -8.33 -8.07
CA SER A 91 3.82 -8.42 -8.19
C SER A 91 2.30 -8.27 -8.05
N TYR A 92 1.80 -7.08 -8.22
CA TYR A 92 0.34 -6.87 -8.25
C TYR A 92 0.02 -5.81 -9.28
N TYR A 93 -1.27 -5.67 -9.58
CA TYR A 93 -1.72 -4.77 -10.61
C TYR A 93 -2.45 -3.57 -10.00
N ALA A 94 -2.07 -2.38 -10.50
CA ALA A 94 -2.74 -1.14 -10.21
C ALA A 94 -3.94 -1.00 -11.16
N VAL A 95 -5.11 -0.72 -10.59
CA VAL A 95 -6.34 -0.56 -11.38
C VAL A 95 -7.06 0.69 -10.89
N ALA A 96 -7.93 1.21 -11.76
CA ALA A 96 -8.77 2.36 -11.47
C ALA A 96 -10.21 1.88 -11.43
N VAL A 97 -10.76 1.81 -10.22
CA VAL A 97 -12.11 1.27 -10.03
C VAL A 97 -13.11 2.40 -10.05
N VAL A 98 -14.22 2.14 -10.76
CA VAL A 98 -15.34 3.04 -10.89
C VAL A 98 -16.61 2.26 -10.69
N LYS A 99 -17.73 2.95 -10.48
N LYS A 99 -17.74 2.95 -10.52
CA LYS A 99 -19.01 2.29 -10.38
CA LYS A 99 -19.04 2.30 -10.45
C LYS A 99 -19.57 1.97 -11.75
C LYS A 99 -19.67 2.13 -11.83
N LYS A 100 -20.13 0.72 -11.73
N LYS A 100 -20.48 1.11 -12.17
CA LYS A 100 -20.73 0.26 -13.00
CA LYS A 100 -21.21 1.09 -13.43
C LYS A 100 -21.81 1.24 -13.40
C LYS A 100 -22.26 2.21 -13.48
N GLY A 101 -21.74 1.60 -14.67
N GLY A 101 -22.45 2.71 -14.71
CA GLY A 101 -22.69 2.43 -15.37
CA GLY A 101 -23.42 3.77 -14.93
C GLY A 101 -22.39 3.92 -15.37
C GLY A 101 -22.88 5.20 -14.92
N THR A 102 -21.26 4.37 -14.79
N THR A 102 -21.58 5.41 -14.64
CA THR A 102 -21.00 5.83 -14.82
CA THR A 102 -21.05 6.78 -14.60
C THR A 102 -20.29 6.25 -16.11
C THR A 102 -20.36 7.29 -15.86
N GLU A 103 -19.91 5.38 -17.03
N GLU A 103 -20.33 6.52 -16.90
CA GLU A 103 -19.53 5.60 -18.43
CA GLU A 103 -19.93 6.33 -18.27
C GLU A 103 -18.28 6.41 -18.74
C GLU A 103 -18.61 7.02 -18.65
N PHE A 104 -17.93 7.45 -17.99
N PHE A 104 -17.93 7.76 -17.80
CA PHE A 104 -16.80 8.30 -18.28
CA PHE A 104 -16.72 8.46 -18.21
C PHE A 104 -15.54 7.42 -18.40
C PHE A 104 -15.54 7.48 -18.35
N THR A 105 -14.60 7.88 -19.18
CA THR A 105 -13.41 7.07 -19.45
C THR A 105 -12.19 7.71 -18.79
N VAL A 106 -11.04 7.08 -18.98
CA VAL A 106 -9.78 7.65 -18.51
C VAL A 106 -9.53 9.06 -19.08
N ASN A 107 -10.09 9.32 -20.23
CA ASN A 107 -9.85 10.64 -20.85
C ASN A 107 -10.77 11.70 -20.31
N ASP A 108 -11.67 11.37 -19.41
CA ASP A 108 -12.69 12.21 -18.83
C ASP A 108 -12.48 12.39 -17.33
N LEU A 109 -11.29 12.21 -16.83
CA LEU A 109 -11.08 12.30 -15.36
C LEU A 109 -10.98 13.72 -14.83
N GLN A 110 -10.68 14.69 -15.70
CA GLN A 110 -10.58 16.06 -15.20
C GLN A 110 -11.91 16.40 -14.51
N GLY A 111 -11.80 17.05 -13.34
CA GLY A 111 -12.97 17.54 -12.65
C GLY A 111 -13.69 16.51 -11.82
N LYS A 112 -13.28 15.24 -11.89
CA LYS A 112 -13.86 14.21 -11.08
C LYS A 112 -13.30 14.30 -9.67
N THR A 113 -13.95 13.62 -8.73
CA THR A 113 -13.42 13.41 -7.38
C THR A 113 -12.69 12.07 -7.36
N SER A 114 -11.64 11.96 -6.53
CA SER A 114 -10.80 10.78 -6.55
C SER A 114 -10.41 10.35 -5.17
N CYS A 115 -10.22 9.01 -5.05
CA CYS A 115 -9.84 8.33 -3.81
C CYS A 115 -8.53 7.59 -4.04
N HIS A 116 -7.55 7.84 -3.17
CA HIS A 116 -6.20 7.31 -3.30
C HIS A 116 -5.81 6.60 -2.01
N THR A 117 -4.96 5.57 -2.14
CA THR A 117 -4.53 4.84 -0.93
C THR A 117 -3.71 5.68 0.02
N GLY A 118 -2.88 6.56 -0.55
CA GLY A 118 -1.96 7.39 0.24
C GLY A 118 -1.00 8.07 -0.69
N LEU A 119 -0.50 9.21 -0.26
CA LEU A 119 0.46 9.98 -1.03
C LEU A 119 1.70 9.13 -1.23
N GLY A 120 2.22 9.09 -2.46
CA GLY A 120 3.46 8.42 -2.73
C GLY A 120 3.41 6.92 -2.82
N ARG A 121 2.25 6.30 -2.66
CA ARG A 121 2.10 4.85 -2.80
C ARG A 121 1.95 4.47 -4.26
N SER A 122 2.28 3.23 -4.60
CA SER A 122 2.29 2.79 -5.97
C SER A 122 0.96 2.87 -6.71
N ALA A 123 0.04 1.97 -6.34
CA ALA A 123 -1.25 1.95 -7.04
C ALA A 123 -2.06 3.19 -6.75
N GLY A 124 -1.92 3.73 -5.54
CA GLY A 124 -2.75 4.85 -5.16
C GLY A 124 -2.31 6.20 -5.67
N TRP A 125 -1.04 6.32 -6.12
CA TRP A 125 -0.50 7.66 -6.41
C TRP A 125 0.51 7.59 -7.55
N ASN A 126 1.65 6.92 -7.35
CA ASN A 126 2.71 7.04 -8.32
C ASN A 126 2.26 6.58 -9.69
N ILE A 127 1.58 5.43 -9.74
CA ILE A 127 1.13 4.92 -11.03
C ILE A 127 0.04 5.82 -11.62
N PRO A 128 -1.09 6.11 -10.95
CA PRO A 128 -2.13 6.90 -11.63
C PRO A 128 -1.65 8.33 -11.96
N ILE A 129 -0.99 8.98 -11.01
CA ILE A 129 -0.56 10.36 -11.28
C ILE A 129 0.54 10.41 -12.31
N GLY A 130 1.54 9.53 -12.21
CA GLY A 130 2.57 9.51 -13.21
C GLY A 130 2.01 9.20 -14.56
N THR A 131 1.04 8.33 -14.67
CA THR A 131 0.41 8.02 -15.93
C THR A 131 -0.33 9.21 -16.51
N LEU A 132 -1.10 9.88 -15.67
CA LEU A 132 -1.86 11.06 -16.16
C LEU A 132 -0.94 12.18 -16.54
N ILE A 133 0.19 12.35 -15.87
CA ILE A 133 1.21 13.34 -16.33
C ILE A 133 1.76 12.92 -17.68
N HIS A 134 2.11 11.63 -17.85
CA HIS A 134 2.68 11.17 -19.10
C HIS A 134 1.70 11.33 -20.26
N ARG A 135 0.43 11.12 -20.02
CA ARG A 135 -0.62 11.29 -21.02
C ARG A 135 -0.97 12.73 -21.33
N GLY A 136 -0.38 13.66 -20.55
CA GLY A 136 -0.72 15.04 -20.79
C GLY A 136 -2.02 15.53 -20.19
N ALA A 137 -2.67 14.70 -19.40
CA ALA A 137 -3.86 15.10 -18.71
C ALA A 137 -3.54 16.06 -17.56
N ILE A 138 -2.48 15.75 -16.83
CA ILE A 138 -2.01 16.58 -15.71
C ILE A 138 -0.73 17.26 -16.17
N GLU A 139 -0.81 18.56 -16.07
CA GLU A 139 0.29 19.32 -16.70
C GLU A 139 1.26 19.52 -15.60
N TRP A 140 2.46 19.03 -15.85
CA TRP A 140 3.48 19.17 -14.80
C TRP A 140 4.89 19.05 -15.35
N GLU A 141 5.60 20.20 -15.29
CA GLU A 141 6.88 20.27 -15.98
CA GLU A 141 6.87 20.26 -15.99
C GLU A 141 7.99 19.91 -14.99
N GLY A 142 7.74 19.48 -13.76
CA GLY A 142 8.78 19.05 -12.85
C GLY A 142 8.75 19.83 -11.58
N ILE A 143 9.54 19.29 -10.67
CA ILE A 143 9.44 19.75 -9.27
C ILE A 143 9.70 21.20 -9.11
N GLU A 144 10.55 21.76 -9.98
CA GLU A 144 10.88 23.14 -9.80
C GLU A 144 9.66 24.03 -10.15
N SER A 145 8.80 23.57 -11.01
CA SER A 145 7.63 24.34 -11.45
C SER A 145 6.61 24.37 -10.31
N GLY A 146 6.64 23.49 -9.31
CA GLY A 146 5.58 23.42 -8.33
C GLY A 146 5.39 21.94 -7.92
N SER A 147 4.64 21.72 -6.85
CA SER A 147 4.52 20.34 -6.34
C SER A 147 3.59 19.50 -7.21
N VAL A 148 3.78 18.20 -7.08
CA VAL A 148 2.87 17.27 -7.72
C VAL A 148 1.48 17.42 -7.14
N GLU A 149 1.39 17.56 -5.80
N GLU A 149 1.39 17.59 -5.80
CA GLU A 149 0.09 17.75 -5.16
C GLU A 149 -0.67 18.91 -5.81
C GLU A 149 -0.68 18.91 -5.77
N GLN A 150 0.02 20.05 -6.04
N GLN A 150 0.00 20.03 -6.03
CA GLN A 150 -0.60 21.22 -6.65
CA GLN A 150 -0.77 21.18 -6.57
C GLN A 150 -1.21 20.89 -8.01
C GLN A 150 -1.25 20.83 -7.98
N ALA A 151 -0.44 20.17 -8.81
CA ALA A 151 -0.90 19.79 -10.14
C ALA A 151 -2.10 18.85 -10.06
N VAL A 152 -2.10 17.90 -9.14
CA VAL A 152 -3.24 16.98 -9.02
C VAL A 152 -4.48 17.69 -8.55
N ALA A 153 -4.32 18.61 -7.59
CA ALA A 153 -5.45 19.39 -7.07
C ALA A 153 -6.09 20.30 -8.13
N LYS A 154 -5.31 20.66 -9.13
CA LYS A 154 -5.86 21.43 -10.26
C LYS A 154 -6.66 20.56 -11.20
N PHE A 155 -6.40 19.26 -11.21
CA PHE A 155 -6.98 18.31 -12.14
C PHE A 155 -8.27 17.71 -11.60
N PHE A 156 -8.21 17.00 -10.46
CA PHE A 156 -9.37 16.50 -9.77
C PHE A 156 -10.04 17.64 -9.02
N SER A 157 -11.37 17.62 -8.93
CA SER A 157 -12.04 18.71 -8.22
C SER A 157 -11.85 18.63 -6.72
N ALA A 158 -11.73 17.44 -6.18
CA ALA A 158 -11.52 17.21 -4.75
C ALA A 158 -11.09 15.75 -4.64
N SER A 159 -10.32 15.45 -3.60
CA SER A 159 -9.81 14.09 -3.45
C SER A 159 -9.70 13.71 -1.99
N CYS A 160 -9.44 12.41 -1.76
CA CYS A 160 -8.89 11.94 -0.51
C CYS A 160 -7.55 11.29 -0.81
N VAL A 161 -6.49 11.90 -0.32
CA VAL A 161 -5.10 11.47 -0.51
C VAL A 161 -4.45 11.45 0.89
N PRO A 162 -4.61 10.33 1.61
CA PRO A 162 -4.06 10.22 2.95
C PRO A 162 -2.57 10.57 2.94
N GLY A 163 -2.15 11.47 3.81
CA GLY A 163 -0.80 11.96 3.85
C GLY A 163 -0.54 13.24 3.09
N ALA A 164 -1.45 13.73 2.28
CA ALA A 164 -1.21 14.99 1.59
C ALA A 164 -1.17 16.14 2.59
N THR A 165 -0.19 17.02 2.39
CA THR A 165 -0.08 18.18 3.30
C THR A 165 0.00 19.52 2.55
N ILE A 166 0.23 19.55 1.25
CA ILE A 166 0.41 20.81 0.53
C ILE A 166 -0.87 21.39 0.02
N GLU A 167 -1.81 20.56 -0.34
CA GLU A 167 -3.06 21.03 -0.98
CA GLU A 167 -3.03 20.99 -0.97
C GLU A 167 -4.27 20.53 -0.18
N GLN A 168 -4.99 21.43 0.43
CA GLN A 168 -6.12 21.04 1.25
CA GLN A 168 -6.17 21.17 1.22
C GLN A 168 -7.21 20.34 0.46
N LYS A 169 -7.37 20.61 -0.84
CA LYS A 169 -8.35 19.94 -1.66
CA LYS A 169 -8.33 19.94 -1.68
CA LYS A 169 -8.46 19.93 -1.57
C LYS A 169 -8.13 18.43 -1.73
N LEU A 170 -6.88 18.01 -1.53
CA LEU A 170 -6.58 16.60 -1.54
C LEU A 170 -7.00 15.87 -0.28
N CYS A 171 -7.50 16.58 0.73
N CYS A 171 -7.57 16.54 0.72
CA CYS A 171 -8.07 16.01 1.93
CA CYS A 171 -8.16 15.81 1.84
C CYS A 171 -9.60 16.18 1.99
C CYS A 171 -9.66 16.04 1.92
N ARG A 172 -10.17 16.92 1.04
CA ARG A 172 -11.56 17.34 1.20
CA ARG A 172 -11.55 17.34 1.13
C ARG A 172 -12.56 16.17 1.21
N GLN A 173 -12.24 15.07 0.53
CA GLN A 173 -13.17 13.94 0.43
C GLN A 173 -12.94 12.93 1.52
N CYS A 174 -11.97 13.15 2.39
CA CYS A 174 -11.63 12.15 3.40
C CYS A 174 -12.67 12.12 4.51
N LYS A 175 -12.93 10.92 5.06
CA LYS A 175 -13.83 10.64 6.14
C LYS A 175 -13.11 10.57 7.48
N GLY A 176 -13.69 11.16 8.54
CA GLY A 176 -13.18 10.89 9.88
C GLY A 176 -13.16 12.16 10.69
N ASP A 177 -12.50 12.08 11.82
CA ASP A 177 -12.37 13.23 12.72
C ASP A 177 -11.41 14.24 12.07
N PRO A 178 -11.56 15.54 12.37
CA PRO A 178 -10.69 16.49 11.73
C PRO A 178 -9.22 16.21 11.89
N LYS A 179 -8.78 15.75 13.06
CA LYS A 179 -7.36 15.64 13.28
C LYS A 179 -6.74 14.47 12.53
N THR A 180 -7.53 13.45 12.12
CA THR A 180 -7.00 12.24 11.56
C THR A 180 -7.58 11.83 10.19
N LYS A 181 -8.62 12.51 9.68
CA LYS A 181 -9.23 12.08 8.44
C LYS A 181 -8.28 12.05 7.25
N CYS A 182 -7.25 12.91 7.25
N CYS A 182 -7.23 12.87 7.23
CA CYS A 182 -6.30 12.92 6.14
CA CYS A 182 -6.24 12.93 6.17
C CYS A 182 -4.97 12.30 6.54
C CYS A 182 -5.09 11.95 6.39
N ALA A 183 -4.90 11.60 7.66
CA ALA A 183 -3.68 10.90 8.04
C ALA A 183 -3.46 9.70 7.15
N ARG A 184 -2.25 9.20 7.14
CA ARG A 184 -1.90 8.05 6.31
C ARG A 184 -2.56 6.76 6.78
N ASN A 185 -3.10 6.73 8.02
CA ASN A 185 -3.82 5.60 8.56
C ASN A 185 -5.31 5.89 8.78
N ALA A 186 -5.83 6.88 8.08
CA ALA A 186 -7.20 7.34 8.21
C ALA A 186 -8.20 6.31 7.74
N PRO A 187 -9.49 6.54 8.01
CA PRO A 187 -10.52 5.61 7.53
C PRO A 187 -10.48 5.33 6.04
N TYR A 188 -10.18 6.31 5.20
CA TYR A 188 -10.14 6.10 3.76
C TYR A 188 -8.73 5.79 3.23
N SER A 189 -7.80 5.42 4.12
CA SER A 189 -6.49 5.03 3.72
C SER A 189 -6.38 3.58 3.28
N GLY A 190 -5.31 3.31 2.52
CA GLY A 190 -5.09 1.96 2.02
C GLY A 190 -5.97 1.65 0.86
N TYR A 191 -5.73 0.47 0.26
CA TYR A 191 -6.59 0.03 -0.84
C TYR A 191 -8.05 0.00 -0.41
N SER A 192 -8.29 -0.58 0.78
CA SER A 192 -9.69 -0.76 1.21
C SER A 192 -10.31 0.55 1.61
N GLY A 193 -9.58 1.46 2.23
CA GLY A 193 -10.14 2.74 2.54
C GLY A 193 -10.51 3.52 1.25
N ALA A 194 -9.64 3.43 0.23
CA ALA A 194 -9.94 4.13 -1.01
C ALA A 194 -11.15 3.52 -1.70
N PHE A 195 -11.28 2.20 -1.65
CA PHE A 195 -12.49 1.56 -2.18
C PHE A 195 -13.74 2.09 -1.47
N HIS A 196 -13.69 2.16 -0.12
CA HIS A 196 -14.85 2.63 0.61
C HIS A 196 -15.16 4.10 0.31
N CYS A 197 -14.11 4.90 0.05
CA CYS A 197 -14.30 6.27 -0.42
C CYS A 197 -15.14 6.30 -1.71
N LEU A 198 -14.86 5.39 -2.64
CA LEU A 198 -15.65 5.30 -3.90
C LEU A 198 -17.07 4.82 -3.56
N LYS A 199 -17.18 3.72 -2.81
CA LYS A 199 -18.48 3.14 -2.45
C LYS A 199 -19.38 4.20 -1.80
N ASP A 200 -18.81 4.98 -0.93
CA ASP A 200 -19.53 6.01 -0.17
C ASP A 200 -19.85 7.23 -0.99
N GLY A 201 -19.41 7.31 -2.24
CA GLY A 201 -19.73 8.47 -3.07
C GLY A 201 -18.83 9.64 -2.88
N LYS A 202 -17.70 9.45 -2.18
CA LYS A 202 -16.74 10.52 -1.97
C LYS A 202 -15.71 10.63 -3.07
N GLY A 203 -15.60 9.62 -3.93
CA GLY A 203 -14.88 9.71 -5.15
C GLY A 203 -15.64 9.08 -6.28
N ASP A 204 -15.35 9.55 -7.50
CA ASP A 204 -15.82 8.93 -8.72
C ASP A 204 -14.95 7.75 -9.16
N VAL A 205 -13.73 7.70 -8.63
CA VAL A 205 -12.73 6.71 -9.01
C VAL A 205 -11.88 6.44 -7.79
N ALA A 206 -11.46 5.18 -7.65
CA ALA A 206 -10.52 4.75 -6.60
C ALA A 206 -9.33 4.08 -7.28
N PHE A 207 -8.14 4.53 -6.91
CA PHE A 207 -6.88 4.01 -7.46
C PHE A 207 -6.34 2.99 -6.45
N VAL A 208 -6.58 1.71 -6.80
CA VAL A 208 -6.39 0.60 -5.87
C VAL A 208 -5.73 -0.58 -6.64
N LYS A 209 -5.82 -1.80 -6.10
CA LYS A 209 -5.16 -2.95 -6.71
C LYS A 209 -6.20 -3.95 -7.15
N HIS A 210 -5.70 -5.03 -7.80
CA HIS A 210 -6.57 -5.94 -8.52
C HIS A 210 -7.45 -6.78 -7.61
N THR A 211 -7.11 -6.98 -6.34
CA THR A 211 -7.92 -7.73 -5.39
C THR A 211 -8.90 -6.86 -4.61
N THR A 212 -8.82 -5.52 -4.75
CA THR A 212 -9.49 -4.68 -3.79
C THR A 212 -11.01 -4.84 -3.77
N VAL A 213 -11.63 -4.87 -4.95
CA VAL A 213 -13.10 -4.99 -4.93
C VAL A 213 -13.49 -6.31 -4.28
N ASN A 214 -12.84 -7.41 -4.65
CA ASN A 214 -13.17 -8.70 -4.08
CA ASN A 214 -13.15 -8.70 -4.08
C ASN A 214 -12.93 -8.71 -2.56
N GLU A 215 -11.90 -8.03 -2.05
CA GLU A 215 -11.64 -7.98 -0.63
C GLU A 215 -12.75 -7.27 0.15
N ASN A 216 -13.40 -6.32 -0.50
CA ASN A 216 -14.31 -5.43 0.22
C ASN A 216 -15.78 -5.63 -0.08
N ALA A 217 -16.11 -6.10 -1.25
CA ALA A 217 -17.47 -6.25 -1.74
C ALA A 217 -17.61 -7.48 -2.61
N PRO A 218 -17.25 -8.63 -2.10
CA PRO A 218 -17.27 -9.83 -2.95
C PRO A 218 -18.62 -10.13 -3.57
N ASP A 219 -19.70 -9.81 -2.91
CA ASP A 219 -21.05 -10.11 -3.44
C ASP A 219 -21.67 -8.93 -4.18
N GLN A 220 -20.99 -7.78 -4.27
CA GLN A 220 -21.39 -6.65 -5.07
C GLN A 220 -20.37 -6.27 -6.14
N LYS A 221 -19.45 -7.19 -6.40
N LYS A 221 -19.44 -7.18 -6.40
CA LYS A 221 -18.38 -6.85 -7.31
CA LYS A 221 -18.27 -6.92 -7.17
C LYS A 221 -18.94 -6.47 -8.68
C LYS A 221 -18.59 -6.28 -8.52
N ASP A 222 -20.14 -6.97 -9.05
N ASP A 222 -19.51 -6.88 -9.23
CA ASP A 222 -20.65 -6.68 -10.37
CA ASP A 222 -19.81 -6.46 -10.61
C ASP A 222 -21.18 -5.30 -10.56
C ASP A 222 -20.82 -5.32 -10.59
N GLU A 223 -21.13 -4.60 -9.48
CA GLU A 223 -21.60 -3.24 -9.44
CA GLU A 223 -21.60 -3.25 -9.55
C GLU A 223 -20.46 -2.22 -9.71
N TYR A 224 -19.25 -2.68 -9.81
CA TYR A 224 -18.04 -1.92 -10.09
C TYR A 224 -17.47 -2.40 -11.41
N GLU A 225 -16.55 -1.58 -11.94
CA GLU A 225 -15.80 -1.91 -13.16
C GLU A 225 -14.51 -1.10 -13.14
N LEU A 226 -13.71 -1.25 -14.20
CA LEU A 226 -12.37 -0.71 -14.26
C LEU A 226 -12.28 0.25 -15.45
N LEU A 227 -11.48 1.33 -15.26
CA LEU A 227 -11.10 2.23 -16.32
C LEU A 227 -9.81 1.73 -16.97
N CYS A 228 -9.85 1.45 -18.28
CA CYS A 228 -8.66 0.96 -18.99
C CYS A 228 -7.96 2.13 -19.65
N LEU A 229 -6.64 1.97 -19.83
CA LEU A 229 -5.86 3.05 -20.46
C LEU A 229 -6.27 3.30 -21.91
N ASP A 230 -6.85 2.32 -22.57
CA ASP A 230 -7.18 2.49 -23.98
C ASP A 230 -8.51 3.18 -24.14
N GLY A 231 -9.19 3.62 -23.03
CA GLY A 231 -10.43 4.34 -23.11
C GLY A 231 -11.65 3.49 -22.84
N SER A 232 -11.47 2.19 -22.76
CA SER A 232 -12.55 1.26 -22.50
C SER A 232 -12.84 1.19 -20.98
N ARG A 233 -13.98 0.55 -20.65
CA ARG A 233 -14.25 0.00 -19.31
C ARG A 233 -14.34 -1.50 -19.42
N GLN A 234 -13.84 -2.20 -18.41
CA GLN A 234 -13.87 -3.62 -18.34
C GLN A 234 -14.25 -4.10 -16.97
N PRO A 235 -14.71 -5.36 -16.85
CA PRO A 235 -15.07 -5.90 -15.55
C PRO A 235 -13.89 -5.93 -14.58
N VAL A 236 -14.25 -5.93 -13.29
CA VAL A 236 -13.26 -6.04 -12.21
C VAL A 236 -12.31 -7.23 -12.42
N ASP A 237 -12.84 -8.38 -12.84
CA ASP A 237 -12.05 -9.57 -13.00
C ASP A 237 -11.13 -9.52 -14.23
N ASN A 238 -11.26 -8.47 -15.06
CA ASN A 238 -10.47 -8.31 -16.30
C ASN A 238 -9.24 -7.48 -16.06
N TYR A 239 -8.75 -7.35 -14.81
CA TYR A 239 -7.61 -6.50 -14.57
C TYR A 239 -6.42 -6.86 -15.41
N LYS A 240 -6.17 -8.12 -15.80
CA LYS A 240 -5.00 -8.40 -16.58
C LYS A 240 -5.05 -7.73 -17.95
N THR A 241 -6.22 -7.39 -18.45
CA THR A 241 -6.37 -6.70 -19.74
C THR A 241 -6.87 -5.28 -19.55
N CYS A 242 -6.79 -4.74 -18.31
CA CYS A 242 -7.33 -3.43 -17.99
C CYS A 242 -6.68 -2.94 -16.67
N ASN A 243 -5.36 -2.78 -16.71
CA ASN A 243 -4.61 -2.29 -15.57
C ASN A 243 -3.75 -1.13 -16.03
N TRP A 244 -3.27 -0.38 -15.01
CA TRP A 244 -2.43 0.79 -15.31
C TRP A 244 -0.95 0.44 -15.19
N ALA A 245 -0.60 -0.60 -14.42
CA ALA A 245 0.77 -1.04 -14.30
C ALA A 245 0.76 -2.32 -13.47
N ARG A 246 1.87 -3.07 -13.57
CA ARG A 246 2.21 -4.16 -12.68
C ARG A 246 3.34 -3.69 -11.83
N VAL A 247 3.22 -3.89 -10.53
N VAL A 247 3.36 -3.80 -10.53
CA VAL A 247 4.24 -3.28 -9.65
CA VAL A 247 4.44 -3.25 -9.67
C VAL A 247 4.74 -4.28 -8.60
C VAL A 247 4.79 -4.33 -8.66
N ALA A 248 5.95 -4.08 -8.15
CA ALA A 248 6.57 -4.97 -7.17
C ALA A 248 5.77 -5.00 -5.88
N ALA A 249 5.72 -6.19 -5.27
CA ALA A 249 5.06 -6.40 -4.02
C ALA A 249 5.57 -5.47 -2.93
N HIS A 250 4.68 -5.21 -1.96
CA HIS A 250 5.16 -4.63 -0.70
C HIS A 250 6.29 -5.49 -0.14
N ALA A 251 7.22 -4.83 0.54
CA ALA A 251 8.39 -5.52 1.06
C ALA A 251 8.71 -5.08 2.46
N VAL A 252 9.22 -6.01 3.24
CA VAL A 252 9.81 -5.71 4.54
C VAL A 252 11.18 -5.08 4.27
N VAL A 253 11.43 -3.92 4.87
CA VAL A 253 12.72 -3.27 4.78
C VAL A 253 13.42 -3.28 6.13
N ALA A 254 14.74 -3.16 6.05
CA ALA A 254 15.60 -3.28 7.24
C ALA A 254 16.95 -2.62 6.91
N ARG A 255 17.70 -2.31 7.94
CA ARG A 255 19.08 -1.89 7.75
C ARG A 255 19.86 -2.99 7.00
N ASP A 256 20.89 -2.53 6.29
CA ASP A 256 21.85 -3.45 5.70
C ASP A 256 22.90 -3.84 6.72
N ASP A 257 22.47 -4.74 7.64
CA ASP A 257 23.37 -5.24 8.68
C ASP A 257 22.94 -6.67 9.00
N ASN A 258 23.62 -7.25 10.00
CA ASN A 258 23.44 -8.63 10.40
CA ASN A 258 23.37 -8.69 10.19
CA ASN A 258 23.42 -8.64 10.35
C ASN A 258 22.04 -8.94 10.91
N LYS A 259 21.28 -7.96 11.33
CA LYS A 259 19.99 -8.26 11.98
C LYS A 259 18.96 -8.84 11.03
N VAL A 260 19.25 -8.76 9.73
CA VAL A 260 18.34 -9.32 8.73
C VAL A 260 18.10 -10.80 9.01
N GLU A 261 19.09 -11.53 9.50
CA GLU A 261 18.90 -12.97 9.70
C GLU A 261 17.85 -13.25 10.76
N ASP A 262 17.89 -12.55 11.88
CA ASP A 262 16.88 -12.71 12.91
C ASP A 262 15.47 -12.33 12.39
N ILE A 263 15.43 -11.21 11.63
CA ILE A 263 14.14 -10.77 11.10
C ILE A 263 13.54 -11.87 10.21
N TRP A 264 14.34 -12.42 9.31
CA TRP A 264 13.85 -13.48 8.46
C TRP A 264 13.51 -14.75 9.23
N SER A 265 14.35 -15.10 10.22
CA SER A 265 14.04 -16.28 11.03
C SER A 265 12.65 -16.14 11.67
N PHE A 266 12.40 -14.98 12.26
CA PHE A 266 11.11 -14.76 12.89
C PHE A 266 9.98 -14.87 11.87
N LEU A 267 10.10 -14.19 10.73
CA LEU A 267 9.03 -14.18 9.77
C LEU A 267 8.77 -15.53 9.14
N SER A 268 9.83 -16.27 8.85
CA SER A 268 9.72 -17.60 8.31
CA SER A 268 9.63 -17.58 8.25
C SER A 268 8.90 -18.50 9.24
N LYS A 269 9.23 -18.44 10.51
CA LYS A 269 8.50 -19.25 11.52
CA LYS A 269 8.48 -19.29 11.44
C LYS A 269 7.05 -18.75 11.67
N ALA A 270 6.90 -17.41 11.72
CA ALA A 270 5.57 -16.86 11.92
C ALA A 270 4.64 -17.22 10.79
N GLN A 271 5.10 -17.19 9.53
CA GLN A 271 4.20 -17.54 8.43
C GLN A 271 3.95 -19.03 8.35
N SER A 272 4.88 -19.83 8.87
CA SER A 272 4.62 -21.27 8.98
C SER A 272 3.53 -21.57 10.00
N ASP A 273 3.45 -20.80 11.06
CA ASP A 273 2.56 -21.04 12.17
C ASP A 273 1.22 -20.31 12.05
N PHE A 274 1.22 -19.12 11.42
CA PHE A 274 0.13 -18.19 11.38
C PHE A 274 -0.24 -17.76 9.98
N GLY A 275 0.17 -18.56 9.00
CA GLY A 275 -0.11 -18.26 7.59
C GLY A 275 -1.50 -18.72 7.21
N VAL A 276 -1.70 -18.83 5.89
CA VAL A 276 -3.06 -19.05 5.38
C VAL A 276 -3.62 -20.38 5.87
N ASP A 277 -2.77 -21.34 6.15
CA ASP A 277 -3.13 -22.69 6.59
C ASP A 277 -3.10 -22.82 8.11
N THR A 278 -3.09 -21.70 8.85
CA THR A 278 -2.96 -21.80 10.31
C THR A 278 -4.15 -22.48 10.96
N LYS A 279 -3.88 -23.07 12.12
CA LYS A 279 -4.89 -23.58 13.06
CA LYS A 279 -5.01 -23.53 12.95
C LYS A 279 -5.30 -22.50 14.05
N SER A 280 -4.58 -21.37 14.10
CA SER A 280 -4.82 -20.33 15.07
C SER A 280 -5.97 -19.43 14.69
N ASP A 281 -6.47 -18.68 15.66
CA ASP A 281 -7.32 -17.55 15.41
C ASP A 281 -6.54 -16.37 14.82
N PHE A 282 -5.23 -16.34 15.10
CA PHE A 282 -4.39 -15.23 14.61
C PHE A 282 -3.91 -15.57 13.20
N HIS A 283 -4.11 -14.60 12.31
CA HIS A 283 -3.62 -14.69 10.97
CA HIS A 283 -3.60 -14.70 10.96
C HIS A 283 -2.61 -13.58 10.70
N LEU A 284 -1.40 -13.97 10.26
CA LEU A 284 -0.43 -12.99 9.84
C LEU A 284 -0.95 -12.16 8.65
N PHE A 285 -1.64 -12.81 7.74
CA PHE A 285 -2.13 -12.23 6.52
C PHE A 285 -3.66 -12.16 6.56
N GLY A 286 -4.23 -10.99 6.74
CA GLY A 286 -5.66 -10.86 6.67
C GLY A 286 -6.39 -11.64 7.73
N PRO A 287 -7.34 -12.47 7.35
CA PRO A 287 -7.71 -12.81 5.98
C PRO A 287 -8.55 -11.67 5.40
N PRO A 288 -8.65 -11.66 4.07
CA PRO A 288 -9.45 -10.66 3.43
C PRO A 288 -10.93 -10.89 3.75
N GLY A 289 -11.69 -9.79 3.49
CA GLY A 289 -13.13 -9.95 3.58
C GLY A 289 -13.80 -8.66 4.01
N LYS A 290 -15.09 -8.67 3.90
CA LYS A 290 -15.93 -7.48 4.17
C LYS A 290 -15.84 -7.12 5.65
N LYS A 291 -15.35 -5.93 5.97
CA LYS A 291 -15.30 -5.36 7.29
CA LYS A 291 -15.27 -5.37 7.31
C LYS A 291 -14.65 -3.98 7.22
N ASP A 292 -14.60 -3.26 8.35
CA ASP A 292 -14.13 -1.84 8.30
CA ASP A 292 -14.09 -1.88 8.40
C ASP A 292 -12.68 -1.74 7.83
N PRO A 293 -12.43 -0.81 6.88
CA PRO A 293 -11.11 -0.75 6.30
C PRO A 293 -10.03 -0.43 7.34
N VAL A 294 -10.28 0.19 8.49
CA VAL A 294 -9.15 0.44 9.40
CA VAL A 294 -9.26 0.40 9.49
C VAL A 294 -8.65 -0.90 10.00
N LEU A 295 -9.35 -2.00 9.79
CA LEU A 295 -8.91 -3.30 10.25
C LEU A 295 -8.10 -4.05 9.21
N LYS A 296 -7.87 -3.45 8.05
CA LYS A 296 -7.31 -4.14 6.90
C LYS A 296 -5.86 -3.78 6.65
N ASP A 297 -5.16 -4.77 6.09
CA ASP A 297 -3.78 -4.62 5.66
C ASP A 297 -2.86 -4.27 6.84
N LEU A 298 -3.16 -4.83 8.00
CA LEU A 298 -2.39 -4.56 9.18
C LEU A 298 -1.11 -5.38 9.19
N LEU A 299 0.04 -4.67 9.20
CA LEU A 299 1.41 -5.23 9.19
C LEU A 299 1.83 -5.71 7.80
N PHE A 300 0.98 -6.55 7.19
CA PHE A 300 1.09 -7.06 5.86
C PHE A 300 -0.26 -6.87 5.17
N LYS A 301 -0.26 -6.87 3.85
CA LYS A 301 -1.53 -6.80 3.14
C LYS A 301 -2.36 -8.05 3.37
N ASP A 302 -3.68 -7.84 3.42
CA ASP A 302 -4.63 -8.94 3.58
C ASP A 302 -4.58 -9.92 2.40
N SER A 303 -4.17 -9.42 1.23
CA SER A 303 -4.04 -10.21 0.02
C SER A 303 -2.73 -11.00 -0.04
N ALA A 304 -1.79 -10.78 0.87
CA ALA A 304 -0.57 -11.57 0.90
C ALA A 304 -0.94 -13.00 1.35
N ILE A 305 -0.18 -13.97 0.81
CA ILE A 305 -0.35 -15.36 1.16
C ILE A 305 0.93 -16.00 1.65
N MET A 306 2.03 -15.27 1.61
CA MET A 306 3.34 -15.72 2.04
C MET A 306 4.28 -14.52 1.93
N LEU A 307 5.48 -14.70 2.46
CA LEU A 307 6.62 -13.80 2.23
C LEU A 307 7.72 -14.63 1.59
N LYS A 308 8.45 -14.02 0.65
CA LYS A 308 9.55 -14.67 -0.06
C LYS A 308 10.81 -13.84 0.18
N ARG A 309 11.86 -14.48 0.68
CA ARG A 309 13.09 -13.74 1.02
C ARG A 309 13.68 -13.15 -0.22
N VAL A 310 14.05 -11.87 -0.15
CA VAL A 310 14.69 -11.15 -1.23
C VAL A 310 16.20 -11.44 -1.16
N PRO A 311 16.85 -11.72 -2.27
CA PRO A 311 18.29 -11.93 -2.24
C PRO A 311 19.01 -10.68 -1.67
N SER A 312 20.08 -10.92 -0.87
CA SER A 312 20.78 -9.83 -0.23
C SER A 312 21.35 -8.84 -1.19
N LEU A 313 21.67 -9.33 -2.40
CA LEU A 313 22.30 -8.41 -3.34
C LEU A 313 21.25 -7.47 -3.93
N MET A 314 19.96 -7.65 -3.76
CA MET A 314 18.99 -6.66 -4.25
CA MET A 314 18.95 -6.69 -4.25
C MET A 314 18.81 -5.53 -3.27
N ASP A 315 18.98 -4.34 -3.77
CA ASP A 315 18.67 -3.10 -3.08
C ASP A 315 17.30 -2.59 -3.53
N SER A 316 16.91 -1.40 -3.03
CA SER A 316 15.59 -0.89 -3.40
C SER A 316 15.46 -0.63 -4.90
N GLN A 317 16.53 -0.14 -5.53
CA GLN A 317 16.44 0.14 -6.98
C GLN A 317 16.28 -1.15 -7.79
N LEU A 318 17.09 -2.16 -7.48
CA LEU A 318 16.93 -3.42 -8.19
C LEU A 318 15.59 -4.10 -7.93
N TYR A 319 15.11 -3.97 -6.68
CA TYR A 319 13.84 -4.56 -6.28
C TYR A 319 12.67 -3.98 -7.03
N LEU A 320 12.63 -2.62 -7.06
CA LEU A 320 11.57 -1.95 -7.79
C LEU A 320 11.75 -2.03 -9.29
N GLY A 321 12.98 -2.23 -9.71
CA GLY A 321 13.39 -2.26 -11.10
C GLY A 321 13.73 -0.85 -11.56
N PHE A 322 14.64 -0.78 -12.51
CA PHE A 322 15.13 0.52 -12.95
C PHE A 322 14.00 1.37 -13.54
N GLU A 323 13.06 0.78 -14.27
CA GLU A 323 12.06 1.57 -14.91
C GLU A 323 11.16 2.25 -13.88
N TYR A 324 10.57 1.52 -12.94
CA TYR A 324 9.72 2.19 -11.94
C TYR A 324 10.50 3.09 -11.05
N TYR A 325 11.74 2.69 -10.69
CA TYR A 325 12.57 3.54 -9.86
C TYR A 325 12.76 4.92 -10.54
N SER A 326 13.02 4.87 -11.85
CA SER A 326 13.24 6.14 -12.58
C SER A 326 11.93 6.94 -12.69
N ALA A 327 10.78 6.24 -12.80
CA ALA A 327 9.49 6.93 -12.80
C ALA A 327 9.25 7.70 -11.50
N ILE A 328 9.62 7.10 -10.36
CA ILE A 328 9.53 7.78 -9.12
C ILE A 328 10.55 8.93 -9.07
N GLN A 329 11.76 8.71 -9.52
CA GLN A 329 12.76 9.82 -9.57
C GLN A 329 12.15 11.00 -10.33
N SER A 330 11.39 10.70 -11.43
CA SER A 330 10.86 11.78 -12.29
CA SER A 330 10.94 11.86 -12.23
C SER A 330 9.83 12.60 -11.59
N MET A 331 9.26 12.11 -10.50
CA MET A 331 8.17 12.82 -9.86
C MET A 331 8.66 13.55 -8.62
N ARG A 332 9.95 13.64 -8.39
CA ARG A 332 10.46 14.36 -7.23
CA ARG A 332 10.59 14.24 -7.25
C ARG A 332 11.61 15.32 -7.57
FE FE B . 0.86 -0.91 -2.73
C CO3 C . -0.53 1.19 -3.08
O1 CO3 C . -0.23 0.77 -1.87
O2 CO3 C . -1.21 2.23 -3.29
O3 CO3 C . -0.06 0.47 -4.03
C1 GOL D . 19.01 2.55 -4.29
O1 GOL D . 18.94 1.15 -4.19
C2 GOL D . 19.67 3.18 -3.05
O2 GOL D . 21.06 2.83 -3.01
C3 GOL D . 19.58 4.70 -3.08
O3 GOL D . 20.09 5.26 -1.90
#